data_7ZY9
#
_entry.id   7ZY9
#
_cell.length_a   65.421
_cell.length_b   66.776
_cell.length_c   76.445
_cell.angle_alpha   90.000
_cell.angle_beta   90.000
_cell.angle_gamma   90.000
#
_symmetry.space_group_name_H-M   'P 21 21 21'
#
loop_
_entity.id
_entity.type
_entity.pdbx_description
1 polymer 'Endochitinase 33'
2 branched 2-acetamido-2-deoxy-beta-D-glucopyranose-(1-4)-2-acetamido-2-deoxy-beta-D-glucopyranose-(1-4)-2-acetamido-2-deoxy-beta-D-glucopyranose-(1-4)-2-acetamido-2-deoxy-beta-D-glucopyranose
3 water water
#
_entity_poly.entity_id   1
_entity_poly.type   'polypeptide(L)'
_entity_poly.pdbx_seq_one_letter_code
;AGWNVNSKQNIAVYWGQNSANSQSTQQRLSFYCNDANINVIDIAFLNGITPPMTNFANAGDRCTPFSDNPWLLQCPEIEA
DIKTCQANGKTILLSLGGDSYTQGGWSSTGAAQSAADQVWAMFGPVQSGSSVHRPFGSAVVDGFDFAFAATTNNLAAFGA
QLKSRTNAAGGKKYYFSAAPQCFFPDAAVGALINAVPMDWIQIQFYNNPCGVSGFTPGTSTQNNYNYQTWENWAKTSPNP
NVKLLVGIPAGPGAGRGYVSGSQLTSVFQYSKGFSTFAGAMMWDMSQLYQNTGFETQVVNALR
;
_entity_poly.pdbx_strand_id   A
#
loop_
_chem_comp.id
_chem_comp.type
_chem_comp.name
_chem_comp.formula
NAG D-saccharide, beta linking 2-acetamido-2-deoxy-beta-D-glucopyranose 'C8 H15 N O6'
#
# COMPACT_ATOMS: atom_id res chain seq x y z
N ALA A 1 12.70 12.42 4.51
CA ALA A 1 13.21 11.14 5.09
C ALA A 1 12.07 10.11 5.17
N GLY A 2 11.21 10.07 4.13
CA GLY A 2 10.19 9.02 3.93
C GLY A 2 9.08 9.02 4.98
N TRP A 3 8.58 7.85 5.31
CA TRP A 3 7.56 7.70 6.37
C TRP A 3 8.02 8.44 7.64
N ASN A 4 7.13 9.20 8.25
CA ASN A 4 7.46 9.94 9.49
C ASN A 4 6.39 9.65 10.53
N VAL A 5 6.69 8.74 11.45
CA VAL A 5 5.75 8.29 12.50
C VAL A 5 5.29 9.49 13.34
N ASN A 6 6.07 10.57 13.38
CA ASN A 6 5.75 11.76 14.23
C ASN A 6 4.96 12.80 13.44
N SER A 7 4.63 12.54 12.17
CA SER A 7 3.87 13.50 11.33
C SER A 7 2.40 13.09 11.21
N LYS A 8 1.52 14.07 11.14
N LYS A 8 1.52 14.07 11.14
CA LYS A 8 0.09 13.88 10.78
CA LYS A 8 0.09 13.86 10.77
C LYS A 8 -0.12 14.29 9.32
C LYS A 8 -0.12 14.17 9.30
N GLN A 9 0.95 14.38 8.52
CA GLN A 9 0.83 14.84 7.12
C GLN A 9 1.52 13.85 6.16
N ASN A 10 1.69 12.61 6.55
CA ASN A 10 2.15 11.56 5.62
C ASN A 10 1.13 11.40 4.50
N ILE A 11 1.61 11.15 3.28
CA ILE A 11 0.73 10.82 2.13
C ILE A 11 1.34 9.61 1.44
N ALA A 12 0.64 8.50 1.47
CA ALA A 12 0.99 7.24 0.77
C ALA A 12 0.18 7.16 -0.52
N VAL A 13 0.83 6.94 -1.66
CA VAL A 13 0.08 6.84 -2.93
C VAL A 13 0.51 5.55 -3.63
N TYR A 14 -0.45 4.83 -4.18
CA TYR A 14 -0.18 3.65 -5.04
C TYR A 14 0.25 4.11 -6.43
N TRP A 15 1.23 3.40 -6.96
CA TRP A 15 1.67 3.54 -8.36
C TRP A 15 1.73 2.13 -8.94
N GLY A 16 1.33 2.00 -10.22
CA GLY A 16 1.61 0.77 -10.97
C GLY A 16 0.41 0.28 -11.75
N GLN A 17 -0.81 0.46 -11.25
CA GLN A 17 -2.00 -0.16 -11.94
C GLN A 17 -2.68 0.79 -12.92
N ASN A 18 -2.20 2.03 -13.05
CA ASN A 18 -2.74 3.02 -14.01
C ASN A 18 -4.26 3.02 -13.95
N SER A 19 -4.81 3.28 -12.77
CA SER A 19 -6.28 3.36 -12.61
C SER A 19 -6.90 4.30 -13.67
N ALA A 20 -6.24 5.41 -14.03
CA ALA A 20 -6.77 6.39 -15.00
C ALA A 20 -6.90 5.75 -16.40
N ASN A 21 -6.10 4.73 -16.69
CA ASN A 21 -6.33 3.79 -17.83
CA ASN A 21 -6.32 3.77 -17.81
C ASN A 21 -6.25 4.50 -19.18
N SER A 22 -5.32 5.42 -19.33
CA SER A 22 -4.97 5.98 -20.67
CA SER A 22 -4.97 5.99 -20.66
C SER A 22 -3.49 5.73 -20.97
N GLN A 23 -3.12 5.88 -22.23
CA GLN A 23 -1.75 5.59 -22.69
C GLN A 23 -0.72 6.43 -21.94
N SER A 24 -1.07 7.65 -21.53
CA SER A 24 -0.11 8.65 -20.98
CA SER A 24 -0.06 8.59 -20.97
C SER A 24 -0.33 8.92 -19.49
N THR A 25 -1.28 8.26 -18.85
CA THR A 25 -1.67 8.66 -17.47
C THR A 25 -0.74 8.10 -16.39
N GLN A 26 0.04 7.07 -16.66
CA GLN A 26 1.01 6.57 -15.67
C GLN A 26 2.43 6.70 -16.25
N GLN A 27 3.16 7.70 -15.81
CA GLN A 27 4.58 7.83 -16.17
C GLN A 27 5.37 6.82 -15.35
N ARG A 28 6.66 6.72 -15.66
CA ARG A 28 7.57 5.88 -14.85
C ARG A 28 7.54 6.32 -13.38
N LEU A 29 7.86 5.39 -12.50
CA LEU A 29 7.81 5.65 -11.04
C LEU A 29 8.61 6.92 -10.68
N SER A 30 9.82 7.12 -11.21
CA SER A 30 10.65 8.27 -10.78
C SER A 30 10.07 9.61 -11.22
N PHE A 31 9.13 9.66 -12.16
CA PHE A 31 8.49 10.92 -12.53
C PHE A 31 7.81 11.53 -11.30
N TYR A 32 7.38 10.67 -10.37
CA TYR A 32 6.58 11.06 -9.19
C TYR A 32 7.42 11.18 -7.93
N CYS A 33 8.75 11.12 -8.05
CA CYS A 33 9.64 11.12 -6.87
C CYS A 33 10.25 12.51 -6.63
N ASN A 34 9.67 13.56 -7.23
CA ASN A 34 10.06 14.96 -6.93
C ASN A 34 8.86 15.70 -6.30
N ASP A 35 8.01 14.97 -5.60
CA ASP A 35 6.80 15.57 -4.99
C ASP A 35 7.02 15.66 -3.50
N ALA A 36 7.26 16.86 -2.95
CA ALA A 36 7.61 17.02 -1.53
C ALA A 36 6.50 16.47 -0.65
N ASN A 37 5.29 16.38 -1.18
CA ASN A 37 4.12 16.00 -0.35
C ASN A 37 3.90 14.50 -0.33
N ILE A 38 4.42 13.75 -1.29
CA ILE A 38 4.23 12.27 -1.32
C ILE A 38 5.51 11.64 -0.79
N ASN A 39 5.45 11.07 0.42
CA ASN A 39 6.67 10.53 1.07
C ASN A 39 6.65 9.01 1.06
N VAL A 40 5.52 8.40 0.74
CA VAL A 40 5.42 6.92 0.66
C VAL A 40 4.78 6.55 -0.68
N ILE A 41 5.41 5.65 -1.43
CA ILE A 41 4.79 5.13 -2.68
C ILE A 41 4.69 3.62 -2.55
N ASP A 42 3.52 3.07 -2.85
CA ASP A 42 3.31 1.61 -2.86
C ASP A 42 3.30 1.14 -4.30
N ILE A 43 4.16 0.18 -4.64
CA ILE A 43 4.20 -0.37 -6.02
C ILE A 43 3.16 -1.49 -6.11
N ALA A 44 2.20 -1.32 -7.01
CA ALA A 44 1.07 -2.26 -7.17
C ALA A 44 1.15 -2.91 -8.55
N PHE A 45 1.29 -4.25 -8.62
CA PHE A 45 1.18 -5.18 -7.50
C PHE A 45 2.00 -6.44 -7.76
N LEU A 46 2.46 -7.11 -6.70
CA LEU A 46 2.80 -8.55 -6.80
C LEU A 46 1.46 -9.27 -6.67
N ASN A 47 0.81 -9.61 -7.79
CA ASN A 47 -0.57 -10.11 -7.77
C ASN A 47 -0.59 -11.64 -7.85
N GLY A 48 0.57 -12.27 -7.77
CA GLY A 48 0.70 -13.73 -7.60
C GLY A 48 1.92 -13.99 -6.77
N ILE A 49 1.86 -14.97 -5.87
CA ILE A 49 3.01 -15.25 -4.96
C ILE A 49 3.51 -16.67 -5.22
N THR A 50 2.58 -17.63 -5.27
CA THR A 50 2.94 -19.05 -5.48
C THR A 50 2.03 -19.61 -6.57
N PRO A 51 2.35 -19.51 -7.88
CA PRO A 51 3.60 -18.92 -8.39
C PRO A 51 3.65 -17.41 -8.48
N PRO A 52 4.84 -16.78 -8.54
CA PRO A 52 4.91 -15.32 -8.55
C PRO A 52 4.45 -14.68 -9.86
N MET A 53 3.74 -13.57 -9.71
CA MET A 53 3.24 -12.77 -10.86
C MET A 53 3.33 -11.29 -10.50
N THR A 54 3.79 -10.50 -11.44
CA THR A 54 3.88 -9.03 -11.28
C THR A 54 3.06 -8.38 -12.37
N ASN A 55 2.29 -7.36 -12.04
CA ASN A 55 1.56 -6.56 -13.04
C ASN A 55 1.77 -5.09 -12.71
N PHE A 56 2.27 -4.32 -13.66
CA PHE A 56 2.49 -2.86 -13.48
C PHE A 56 1.85 -2.12 -14.65
N ALA A 57 0.72 -2.63 -15.11
CA ALA A 57 0.00 -2.05 -16.27
C ALA A 57 0.99 -1.82 -17.41
N ASN A 58 0.98 -0.63 -18.02
CA ASN A 58 1.80 -0.36 -19.22
C ASN A 58 3.27 -0.13 -18.85
N ALA A 59 3.62 -0.09 -17.56
CA ALA A 59 5.06 -0.07 -17.21
C ALA A 59 5.69 -1.41 -17.62
N GLY A 60 4.87 -2.45 -17.76
CA GLY A 60 5.34 -3.77 -18.22
C GLY A 60 5.93 -3.69 -19.61
N ASP A 61 5.58 -2.66 -20.40
CA ASP A 61 6.11 -2.48 -21.78
C ASP A 61 7.64 -2.31 -21.75
N ARG A 62 8.19 -1.86 -20.63
CA ARG A 62 9.66 -1.64 -20.53
C ARG A 62 10.26 -2.76 -19.68
N CYS A 63 9.53 -3.84 -19.48
CA CYS A 63 10.04 -5.01 -18.72
C CYS A 63 10.16 -6.19 -19.69
N THR A 64 10.87 -7.22 -19.25
CA THR A 64 10.98 -8.48 -20.04
C THR A 64 10.51 -9.62 -19.14
N PRO A 65 9.57 -10.47 -19.58
CA PRO A 65 9.19 -11.63 -18.78
C PRO A 65 10.38 -12.57 -18.58
N PHE A 66 10.45 -13.21 -17.42
CA PHE A 66 11.47 -14.24 -17.16
C PHE A 66 11.13 -15.45 -18.04
N SER A 67 12.14 -16.13 -18.57
CA SER A 67 11.91 -17.21 -19.57
C SER A 67 11.06 -18.35 -18.98
N ASP A 68 11.22 -18.67 -17.70
CA ASP A 68 10.53 -19.84 -17.08
C ASP A 68 9.28 -19.41 -16.31
N ASN A 69 8.95 -18.11 -16.35
CA ASN A 69 7.74 -17.59 -15.66
C ASN A 69 7.31 -16.34 -16.42
N PRO A 70 6.48 -16.52 -17.46
CA PRO A 70 6.04 -15.41 -18.29
C PRO A 70 5.23 -14.34 -17.56
N TRP A 71 4.69 -14.65 -16.37
CA TRP A 71 3.87 -13.69 -15.59
C TRP A 71 4.73 -12.93 -14.60
N LEU A 72 6.03 -13.23 -14.55
CA LEU A 72 6.98 -12.50 -13.67
C LEU A 72 7.86 -11.63 -14.55
N LEU A 73 7.96 -10.34 -14.23
CA LEU A 73 8.64 -9.39 -15.13
C LEU A 73 9.99 -8.98 -14.54
N GLN A 74 10.98 -8.80 -15.42
CA GLN A 74 12.28 -8.19 -15.07
C GLN A 74 12.19 -6.74 -15.47
N CYS A 75 12.30 -5.81 -14.54
CA CYS A 75 11.95 -4.40 -14.80
C CYS A 75 13.09 -3.47 -14.46
N PRO A 76 14.04 -3.27 -15.38
CA PRO A 76 15.22 -2.43 -15.10
C PRO A 76 14.91 -0.95 -14.85
N GLU A 77 13.84 -0.42 -15.47
CA GLU A 77 13.47 0.99 -15.24
C GLU A 77 12.85 1.12 -13.84
N ILE A 78 12.05 0.15 -13.40
CA ILE A 78 11.48 0.23 -12.02
C ILE A 78 12.61 0.05 -11.02
N GLU A 79 13.56 -0.83 -11.29
CA GLU A 79 14.74 -1.01 -10.42
C GLU A 79 15.45 0.34 -10.26
N ALA A 80 15.75 1.00 -11.37
CA ALA A 80 16.50 2.27 -11.31
C ALA A 80 15.67 3.31 -10.56
N ASP A 81 14.36 3.33 -10.82
CA ASP A 81 13.47 4.36 -10.23
C ASP A 81 13.30 4.14 -8.73
N ILE A 82 13.28 2.90 -8.26
CA ILE A 82 13.21 2.64 -6.80
C ILE A 82 14.45 3.28 -6.16
N LYS A 83 15.61 3.04 -6.75
CA LYS A 83 16.87 3.59 -6.19
C LYS A 83 16.83 5.12 -6.22
N THR A 84 16.33 5.71 -7.31
CA THR A 84 16.26 7.19 -7.44
C THR A 84 15.30 7.73 -6.38
N CYS A 85 14.12 7.13 -6.25
CA CYS A 85 13.12 7.62 -5.28
C CYS A 85 13.67 7.52 -3.85
N GLN A 86 14.37 6.43 -3.54
CA GLN A 86 14.99 6.24 -2.20
C GLN A 86 16.04 7.32 -1.98
N ALA A 87 16.85 7.62 -2.99
CA ALA A 87 17.88 8.69 -2.90
C ALA A 87 17.18 10.03 -2.62
N ASN A 88 15.97 10.19 -3.14
CA ASN A 88 15.16 11.42 -3.03
C ASN A 88 14.39 11.49 -1.70
N GLY A 89 14.54 10.49 -0.84
CA GLY A 89 13.95 10.45 0.51
C GLY A 89 12.52 9.93 0.51
N LYS A 90 12.18 9.04 -0.41
CA LYS A 90 10.84 8.42 -0.41
C LYS A 90 10.95 6.99 0.11
N THR A 91 9.95 6.58 0.87
CA THR A 91 9.76 5.18 1.30
C THR A 91 9.01 4.44 0.20
N ILE A 92 9.59 3.38 -0.34
CA ILE A 92 9.00 2.61 -1.45
C ILE A 92 8.66 1.20 -0.96
N LEU A 93 7.37 0.87 -0.90
CA LEU A 93 6.92 -0.47 -0.47
C LEU A 93 6.43 -1.26 -1.68
N LEU A 94 6.52 -2.58 -1.59
CA LEU A 94 5.85 -3.44 -2.61
C LEU A 94 4.50 -3.80 -2.06
N SER A 95 3.44 -3.59 -2.85
N SER A 95 3.44 -3.58 -2.84
CA SER A 95 2.07 -3.96 -2.44
CA SER A 95 2.06 -3.97 -2.44
C SER A 95 1.76 -5.38 -2.92
C SER A 95 1.76 -5.38 -2.92
N LEU A 96 1.30 -6.23 -2.00
CA LEU A 96 0.99 -7.64 -2.29
C LEU A 96 -0.51 -7.79 -2.42
N GLY A 97 -0.95 -8.48 -3.45
CA GLY A 97 -2.38 -8.80 -3.59
C GLY A 97 -3.07 -7.95 -4.63
N GLY A 98 -4.03 -7.13 -4.21
CA GLY A 98 -4.90 -6.39 -5.12
C GLY A 98 -6.08 -7.25 -5.56
N ASP A 99 -7.04 -6.63 -6.25
CA ASP A 99 -8.31 -7.32 -6.61
C ASP A 99 -8.03 -8.40 -7.66
N SER A 100 -6.81 -8.51 -8.21
CA SER A 100 -6.47 -9.54 -9.24
CA SER A 100 -6.44 -9.52 -9.24
C SER A 100 -5.66 -10.71 -8.66
N TYR A 101 -5.45 -10.75 -7.34
CA TYR A 101 -4.78 -11.90 -6.71
C TYR A 101 -5.84 -12.98 -6.52
N THR A 102 -5.68 -14.13 -7.17
CA THR A 102 -6.73 -15.17 -7.19
C THR A 102 -6.25 -16.47 -6.55
N GLN A 103 -5.04 -16.50 -5.99
CA GLN A 103 -4.42 -17.78 -5.56
C GLN A 103 -4.96 -18.25 -4.21
N GLY A 104 -5.62 -17.40 -3.42
CA GLY A 104 -6.37 -17.83 -2.22
C GLY A 104 -5.47 -18.16 -1.04
N GLY A 105 -4.20 -17.80 -1.11
CA GLY A 105 -3.29 -18.04 0.02
C GLY A 105 -2.76 -19.47 0.02
N TRP A 106 -2.54 -20.03 1.21
CA TRP A 106 -1.76 -21.28 1.38
C TRP A 106 -2.51 -22.24 2.30
N SER A 107 -2.42 -23.54 1.99
CA SER A 107 -3.18 -24.59 2.71
CA SER A 107 -3.19 -24.59 2.71
C SER A 107 -2.54 -24.92 4.06
N SER A 108 -1.29 -24.54 4.25
CA SER A 108 -0.58 -24.86 5.51
C SER A 108 0.26 -23.67 5.95
N THR A 109 0.58 -23.63 7.24
CA THR A 109 1.48 -22.59 7.79
C THR A 109 2.84 -22.75 7.12
N GLY A 110 3.27 -23.98 6.86
CA GLY A 110 4.57 -24.26 6.23
C GLY A 110 4.66 -23.70 4.82
N ALA A 111 3.60 -23.87 4.03
CA ALA A 111 3.55 -23.35 2.64
C ALA A 111 3.58 -21.83 2.70
N ALA A 112 2.89 -21.24 3.66
CA ALA A 112 2.82 -19.77 3.81
C ALA A 112 4.20 -19.25 4.20
N GLN A 113 4.89 -19.94 5.10
CA GLN A 113 6.24 -19.53 5.53
C GLN A 113 7.22 -19.63 4.36
N SER A 114 7.16 -20.70 3.58
CA SER A 114 8.04 -20.85 2.39
CA SER A 114 8.04 -20.85 2.39
C SER A 114 7.78 -19.72 1.37
N ALA A 115 6.51 -19.38 1.19
CA ALA A 115 6.13 -18.33 0.22
C ALA A 115 6.71 -16.99 0.67
N ALA A 116 6.65 -16.72 1.96
CA ALA A 116 7.17 -15.46 2.54
C ALA A 116 8.68 -15.39 2.31
N ASP A 117 9.36 -16.51 2.51
CA ASP A 117 10.82 -16.55 2.31
C ASP A 117 11.13 -16.31 0.83
N GLN A 118 10.29 -16.81 -0.07
CA GLN A 118 10.50 -16.55 -1.51
C GLN A 118 10.33 -15.05 -1.78
N VAL A 119 9.28 -14.43 -1.25
CA VAL A 119 9.06 -12.97 -1.48
C VAL A 119 10.25 -12.19 -0.93
N TRP A 120 10.72 -12.56 0.26
CA TRP A 120 11.88 -11.87 0.86
C TRP A 120 13.12 -12.01 -0.02
N ALA A 121 13.33 -13.20 -0.61
CA ALA A 121 14.54 -13.43 -1.43
C ALA A 121 14.39 -12.69 -2.76
N MET A 122 13.16 -12.48 -3.23
CA MET A 122 12.90 -11.83 -4.55
CA MET A 122 12.92 -11.83 -4.55
C MET A 122 12.99 -10.30 -4.47
N PHE A 123 12.60 -9.72 -3.33
CA PHE A 123 12.43 -8.25 -3.27
C PHE A 123 13.20 -7.59 -2.12
N GLY A 124 13.61 -8.36 -1.14
CA GLY A 124 14.47 -7.85 -0.07
C GLY A 124 15.91 -7.82 -0.52
N PRO A 125 16.87 -7.83 0.42
CA PRO A 125 18.29 -7.86 0.08
C PRO A 125 18.59 -9.01 -0.88
N VAL A 126 19.50 -8.76 -1.80
CA VAL A 126 19.97 -9.82 -2.74
C VAL A 126 20.61 -10.93 -1.92
N GLN A 127 20.21 -12.18 -2.16
CA GLN A 127 20.77 -13.36 -1.45
C GLN A 127 21.77 -14.07 -2.36
N SER A 128 23.05 -14.10 -1.97
CA SER A 128 24.12 -14.67 -2.82
C SER A 128 23.83 -16.15 -3.13
N GLY A 129 23.24 -16.89 -2.20
CA GLY A 129 23.03 -18.33 -2.44
C GLY A 129 21.72 -18.65 -3.15
N SER A 130 20.95 -17.64 -3.59
CA SER A 130 19.56 -17.85 -4.07
C SER A 130 19.51 -17.92 -5.59
N SER A 131 18.64 -18.79 -6.11
CA SER A 131 18.39 -18.88 -7.58
C SER A 131 17.11 -18.10 -7.92
N VAL A 132 16.49 -17.44 -6.93
CA VAL A 132 15.18 -16.77 -7.20
C VAL A 132 15.40 -15.60 -8.17
N HIS A 133 14.41 -15.38 -9.02
CA HIS A 133 14.40 -14.25 -9.97
C HIS A 133 14.17 -12.95 -9.20
N ARG A 134 14.75 -11.86 -9.66
CA ARG A 134 14.61 -10.56 -8.97
C ARG A 134 14.04 -9.54 -9.94
N PRO A 135 12.72 -9.27 -9.88
CA PRO A 135 12.10 -8.33 -10.80
C PRO A 135 12.79 -6.96 -10.79
N PHE A 136 13.24 -6.51 -9.62
CA PHE A 136 13.84 -5.15 -9.49
C PHE A 136 15.35 -5.26 -9.27
N GLY A 137 15.97 -6.35 -9.71
CA GLY A 137 17.43 -6.46 -9.66
C GLY A 137 18.00 -6.16 -8.30
N SER A 138 18.97 -5.24 -8.24
CA SER A 138 19.71 -4.93 -6.99
C SER A 138 18.94 -3.90 -6.16
N ALA A 139 17.79 -3.43 -6.62
CA ALA A 139 16.96 -2.55 -5.77
C ALA A 139 16.40 -3.39 -4.63
N VAL A 140 16.23 -2.77 -3.47
CA VAL A 140 15.68 -3.45 -2.27
C VAL A 140 14.52 -2.59 -1.78
N VAL A 141 13.33 -3.17 -1.69
CA VAL A 141 12.16 -2.39 -1.24
C VAL A 141 12.35 -1.97 0.22
N ASP A 142 11.58 -0.98 0.66
CA ASP A 142 11.63 -0.50 2.07
C ASP A 142 10.59 -1.22 2.91
N GLY A 143 9.90 -2.19 2.33
CA GLY A 143 8.89 -2.96 3.08
C GLY A 143 7.75 -3.42 2.21
N PHE A 144 6.66 -3.79 2.85
CA PHE A 144 5.55 -4.49 2.17
C PHE A 144 4.22 -3.94 2.64
N ASP A 145 3.32 -3.77 1.68
CA ASP A 145 1.92 -3.38 1.94
C ASP A 145 1.03 -4.59 1.64
N PHE A 146 0.20 -4.97 2.59
CA PHE A 146 -0.70 -6.14 2.45
C PHE A 146 -2.06 -5.64 1.98
N ALA A 147 -2.34 -5.82 0.69
CA ALA A 147 -3.53 -5.29 -0.01
C ALA A 147 -4.37 -6.45 -0.54
N PHE A 148 -4.33 -7.58 0.15
CA PHE A 148 -5.20 -8.74 -0.19
C PHE A 148 -6.65 -8.31 -0.04
N ALA A 149 -7.52 -8.75 -0.96
CA ALA A 149 -8.91 -8.27 -1.04
C ALA A 149 -9.91 -9.41 -0.93
N ALA A 150 -9.44 -10.65 -0.83
CA ALA A 150 -10.34 -11.81 -0.71
C ALA A 150 -9.71 -12.79 0.27
N THR A 151 -10.40 -13.90 0.48
CA THR A 151 -9.96 -14.87 1.51
C THR A 151 -8.57 -15.35 1.12
N THR A 152 -7.64 -15.22 2.07
CA THR A 152 -6.23 -15.57 1.83
C THR A 152 -5.83 -16.50 2.96
N ASN A 153 -5.90 -17.81 2.73
CA ASN A 153 -5.68 -18.80 3.80
C ASN A 153 -4.23 -18.66 4.29
N ASN A 154 -4.09 -18.64 5.62
CA ASN A 154 -2.78 -18.66 6.30
C ASN A 154 -2.01 -17.38 5.97
N LEU A 155 -2.71 -16.28 5.69
CA LEU A 155 -2.01 -14.99 5.50
C LEU A 155 -1.31 -14.57 6.79
N ALA A 156 -1.86 -14.88 7.96
CA ALA A 156 -1.19 -14.54 9.24
C ALA A 156 0.19 -15.21 9.30
N ALA A 157 0.32 -16.47 8.89
CA ALA A 157 1.61 -17.21 8.97
C ALA A 157 2.58 -16.64 7.94
N PHE A 158 2.07 -16.25 6.78
CA PHE A 158 2.89 -15.62 5.71
C PHE A 158 3.45 -14.32 6.27
N GLY A 159 2.58 -13.47 6.83
CA GLY A 159 2.99 -12.16 7.33
C GLY A 159 3.96 -12.28 8.48
N ALA A 160 3.73 -13.25 9.38
CA ALA A 160 4.61 -13.43 10.56
C ALA A 160 5.99 -13.88 10.08
N GLN A 161 6.06 -14.73 9.05
CA GLN A 161 7.37 -15.19 8.53
C GLN A 161 8.08 -14.00 7.90
N LEU A 162 7.37 -13.20 7.12
CA LEU A 162 8.03 -12.07 6.43
C LEU A 162 8.50 -11.05 7.48
N LYS A 163 7.72 -10.82 8.53
CA LYS A 163 8.07 -9.90 9.64
C LYS A 163 9.30 -10.45 10.36
N SER A 164 9.39 -11.75 10.52
CA SER A 164 10.55 -12.41 11.19
CA SER A 164 10.55 -12.38 11.22
C SER A 164 11.83 -12.08 10.41
N ARG A 165 11.76 -12.13 9.08
CA ARG A 165 12.93 -11.88 8.21
C ARG A 165 13.29 -10.40 8.30
N THR A 166 12.31 -9.50 8.24
CA THR A 166 12.64 -8.05 8.30
C THR A 166 13.17 -7.70 9.69
N ASN A 167 12.64 -8.31 10.74
CA ASN A 167 13.08 -8.01 12.13
C ASN A 167 14.53 -8.47 12.33
N ALA A 168 14.94 -9.50 11.59
CA ALA A 168 16.31 -10.06 11.74
C ALA A 168 17.28 -9.32 10.84
N ALA A 169 16.83 -8.43 9.96
CA ALA A 169 17.68 -7.84 8.90
C ALA A 169 18.47 -6.64 9.42
N GLY A 170 19.66 -6.49 8.83
CA GLY A 170 20.48 -5.28 8.98
C GLY A 170 20.15 -4.25 7.91
N GLY A 171 20.99 -3.24 7.81
CA GLY A 171 20.99 -2.28 6.68
C GLY A 171 20.06 -1.13 6.95
N LYS A 172 18.77 -1.41 7.01
CA LYS A 172 17.75 -0.34 7.09
C LYS A 172 16.49 -0.87 7.75
N LYS A 173 15.58 0.05 8.06
CA LYS A 173 14.26 -0.29 8.62
C LYS A 173 13.38 -0.78 7.48
N TYR A 174 12.66 -1.87 7.71
CA TYR A 174 11.62 -2.33 6.76
C TYR A 174 10.26 -2.07 7.40
N TYR A 175 9.36 -1.48 6.62
CA TYR A 175 8.02 -1.09 7.10
C TYR A 175 6.98 -2.07 6.62
N PHE A 176 5.97 -2.26 7.45
CA PHE A 176 4.80 -3.12 7.13
C PHE A 176 3.57 -2.22 7.18
N SER A 177 2.81 -2.21 6.10
CA SER A 177 1.45 -1.62 6.13
C SER A 177 0.42 -2.65 5.69
N ALA A 178 -0.83 -2.40 6.01
CA ALA A 178 -1.95 -3.18 5.44
C ALA A 178 -3.03 -2.22 4.94
N ALA A 179 -3.80 -2.67 3.95
CA ALA A 179 -4.83 -1.86 3.27
C ALA A 179 -6.18 -2.56 3.37
N PRO A 180 -6.74 -2.73 4.58
CA PRO A 180 -8.09 -3.27 4.69
C PRO A 180 -9.09 -2.27 4.09
N GLN A 181 -10.26 -2.77 3.73
CA GLN A 181 -11.38 -1.83 3.46
C GLN A 181 -11.94 -1.36 4.80
N CYS A 182 -12.77 -0.32 4.79
CA CYS A 182 -13.22 0.28 6.06
C CYS A 182 -14.24 -0.59 6.79
N PHE A 183 -14.90 -1.52 6.09
CA PHE A 183 -15.88 -2.40 6.78
C PHE A 183 -15.14 -3.17 7.88
N PHE A 184 -15.65 -3.11 9.11
CA PHE A 184 -14.99 -3.70 10.30
C PHE A 184 -15.84 -4.85 10.82
N PRO A 185 -15.27 -6.06 11.05
CA PRO A 185 -13.86 -6.35 10.76
C PRO A 185 -13.59 -6.68 9.29
N ASP A 186 -12.33 -6.55 8.87
CA ASP A 186 -11.96 -6.79 7.46
C ASP A 186 -11.75 -8.30 7.27
N ALA A 187 -12.44 -8.88 6.30
CA ALA A 187 -12.41 -10.34 6.06
C ALA A 187 -11.06 -10.76 5.49
N ALA A 188 -10.44 -9.95 4.64
CA ALA A 188 -9.23 -10.38 3.90
C ALA A 188 -7.99 -10.29 4.81
N VAL A 189 -7.76 -9.17 5.49
CA VAL A 189 -6.49 -8.98 6.24
C VAL A 189 -6.76 -8.91 7.75
N GLY A 190 -7.99 -9.15 8.19
CA GLY A 190 -8.31 -9.03 9.62
C GLY A 190 -7.47 -9.96 10.48
N ALA A 191 -7.33 -11.23 10.08
CA ALA A 191 -6.55 -12.21 10.88
C ALA A 191 -5.08 -11.80 10.89
N LEU A 192 -4.57 -11.38 9.74
CA LEU A 192 -3.17 -10.89 9.65
C LEU A 192 -2.96 -9.72 10.63
N ILE A 193 -3.81 -8.70 10.61
CA ILE A 193 -3.53 -7.47 11.41
C ILE A 193 -3.85 -7.72 12.90
N ASN A 194 -4.53 -8.81 13.23
CA ASN A 194 -4.74 -9.16 14.65
C ASN A 194 -3.58 -10.01 15.17
N ALA A 195 -2.71 -10.50 14.30
CA ALA A 195 -1.59 -11.40 14.68
C ALA A 195 -0.23 -10.74 14.46
N VAL A 196 -0.09 -9.94 13.42
CA VAL A 196 1.25 -9.38 13.04
C VAL A 196 1.27 -7.88 13.22
N PRO A 197 2.25 -7.34 13.97
CA PRO A 197 2.41 -5.89 14.12
C PRO A 197 2.60 -5.18 12.78
N MET A 198 1.88 -4.08 12.60
CA MET A 198 2.06 -3.21 11.41
C MET A 198 2.59 -1.86 11.86
N ASP A 199 3.32 -1.17 10.99
CA ASP A 199 3.74 0.22 11.26
CA ASP A 199 3.74 0.22 11.26
C ASP A 199 2.54 1.17 11.07
N TRP A 200 1.75 0.92 10.04
CA TRP A 200 0.51 1.69 9.83
C TRP A 200 -0.49 0.87 9.05
N ILE A 201 -1.73 1.25 9.19
CA ILE A 201 -2.86 0.67 8.41
C ILE A 201 -3.40 1.79 7.55
N GLN A 202 -3.43 1.60 6.23
CA GLN A 202 -4.00 2.58 5.29
C GLN A 202 -5.37 2.07 4.88
N ILE A 203 -6.39 2.58 5.54
CA ILE A 203 -7.77 2.03 5.41
C ILE A 203 -8.41 2.59 4.16
N GLN A 204 -9.00 1.71 3.34
CA GLN A 204 -9.72 2.16 2.13
C GLN A 204 -11.10 2.66 2.57
N PHE A 205 -11.22 3.96 2.82
CA PHE A 205 -12.50 4.59 3.22
C PHE A 205 -13.29 4.93 1.96
N TYR A 206 -13.53 3.93 1.15
CA TYR A 206 -14.25 4.09 -0.14
C TYR A 206 -14.75 2.73 -0.60
N ASN A 207 -15.61 2.72 -1.62
CA ASN A 207 -16.27 1.50 -2.14
C ASN A 207 -17.12 0.85 -1.04
N ASN A 208 -17.49 1.61 -0.01
CA ASN A 208 -18.22 1.05 1.16
C ASN A 208 -18.98 2.17 1.87
N PRO A 209 -20.12 1.86 2.53
CA PRO A 209 -20.89 2.88 3.24
C PRO A 209 -20.15 3.57 4.39
N CYS A 210 -19.13 2.93 4.96
CA CYS A 210 -18.34 3.48 6.09
C CYS A 210 -17.27 4.44 5.58
N GLY A 211 -17.26 4.73 4.27
CA GLY A 211 -16.17 5.53 3.68
C GLY A 211 -16.29 7.02 3.96
N VAL A 212 -15.35 7.79 3.45
CA VAL A 212 -15.35 9.26 3.67
C VAL A 212 -16.61 9.89 3.07
N SER A 213 -17.21 9.29 2.04
CA SER A 213 -18.43 9.88 1.44
C SER A 213 -19.59 9.85 2.44
N GLY A 214 -19.52 8.99 3.45
CA GLY A 214 -20.56 8.83 4.47
C GLY A 214 -20.34 9.73 5.68
N PHE A 215 -19.19 10.39 5.75
CA PHE A 215 -18.91 11.34 6.85
C PHE A 215 -19.94 12.47 6.80
N THR A 216 -20.43 12.87 7.97
CA THR A 216 -21.37 14.01 8.13
C THR A 216 -20.64 15.23 8.65
N PRO A 217 -20.34 16.24 7.81
CA PRO A 217 -19.65 17.43 8.31
C PRO A 217 -20.49 18.21 9.32
N GLY A 218 -19.81 18.89 10.24
CA GLY A 218 -20.46 19.79 11.20
C GLY A 218 -20.75 19.13 12.52
N THR A 219 -20.42 17.85 12.66
CA THR A 219 -20.74 17.09 13.90
C THR A 219 -19.64 16.07 14.13
N SER A 220 -19.44 15.65 15.36
CA SER A 220 -18.44 14.60 15.67
C SER A 220 -19.20 13.31 16.01
N THR A 221 -20.52 13.34 15.82
CA THR A 221 -21.37 12.11 15.88
C THR A 221 -21.45 11.50 14.49
N GLN A 222 -20.75 10.39 14.28
CA GLN A 222 -20.66 9.78 12.93
C GLN A 222 -21.28 8.39 12.93
N ASN A 223 -22.35 8.26 12.20
CA ASN A 223 -23.15 7.00 12.14
C ASN A 223 -22.60 6.09 11.05
N ASN A 224 -21.83 6.61 10.10
CA ASN A 224 -21.40 5.79 8.94
C ASN A 224 -19.87 5.69 8.95
N TYR A 225 -19.20 6.82 8.85
CA TYR A 225 -17.72 6.89 8.78
C TYR A 225 -17.13 6.36 10.08
N ASN A 226 -16.34 5.30 10.01
CA ASN A 226 -16.06 4.48 11.21
C ASN A 226 -14.58 4.55 11.60
N TYR A 227 -13.93 5.70 11.39
CA TYR A 227 -12.54 5.89 11.87
C TYR A 227 -12.45 5.51 13.37
N GLN A 228 -13.43 5.93 14.16
CA GLN A 228 -13.41 5.71 15.63
C GLN A 228 -13.31 4.21 15.92
N THR A 229 -14.04 3.38 15.18
CA THR A 229 -13.99 1.90 15.36
C THR A 229 -12.55 1.43 15.16
N TRP A 230 -11.92 1.91 14.09
CA TRP A 230 -10.54 1.48 13.76
C TRP A 230 -9.54 1.98 14.80
N GLU A 231 -9.73 3.19 15.32
CA GLU A 231 -8.83 3.70 16.37
C GLU A 231 -8.97 2.79 17.59
N ASN A 232 -10.18 2.40 17.95
CA ASN A 232 -10.40 1.56 19.16
C ASN A 232 -9.65 0.24 18.99
N TRP A 233 -9.75 -0.33 17.79
CA TRP A 233 -9.07 -1.59 17.42
C TRP A 233 -7.55 -1.40 17.52
N ALA A 234 -7.05 -0.27 16.99
CA ALA A 234 -5.60 0.02 16.88
C ALA A 234 -4.94 -0.11 18.25
N LYS A 235 -5.57 0.45 19.27
CA LYS A 235 -5.00 0.63 20.62
C LYS A 235 -4.73 -0.73 21.28
N THR A 236 -5.39 -1.81 20.87
CA THR A 236 -5.11 -3.16 21.46
C THR A 236 -4.56 -4.10 20.40
N SER A 237 -4.11 -3.57 19.26
CA SER A 237 -3.56 -4.41 18.17
C SER A 237 -2.14 -4.84 18.53
N PRO A 238 -1.55 -5.81 17.79
CA PRO A 238 -0.20 -6.28 18.10
C PRO A 238 0.83 -5.16 18.27
N ASN A 239 0.75 -4.09 17.46
CA ASN A 239 1.50 -2.83 17.71
C ASN A 239 0.52 -1.80 18.21
N PRO A 240 0.42 -1.58 19.54
CA PRO A 240 -0.61 -0.67 20.05
C PRO A 240 -0.36 0.80 19.67
N ASN A 241 0.82 1.11 19.12
CA ASN A 241 1.21 2.45 18.64
C ASN A 241 1.01 2.58 17.13
N VAL A 242 0.38 1.58 16.50
CA VAL A 242 0.16 1.59 15.03
C VAL A 242 -0.58 2.88 14.64
N LYS A 243 -0.20 3.45 13.49
CA LYS A 243 -0.86 4.65 12.96
C LYS A 243 -1.85 4.25 11.88
N LEU A 244 -2.83 5.14 11.67
CA LEU A 244 -3.85 4.98 10.61
C LEU A 244 -3.70 6.10 9.57
N LEU A 245 -3.83 5.71 8.30
CA LEU A 245 -3.96 6.66 7.18
C LEU A 245 -5.38 6.54 6.65
N VAL A 246 -5.97 7.68 6.32
CA VAL A 246 -7.31 7.74 5.72
C VAL A 246 -7.13 7.60 4.21
N GLY A 247 -7.51 6.45 3.67
CA GLY A 247 -7.39 6.17 2.23
C GLY A 247 -8.60 6.67 1.47
N ILE A 248 -8.37 7.39 0.38
CA ILE A 248 -9.45 7.98 -0.43
C ILE A 248 -9.17 7.75 -1.91
N PRO A 249 -10.22 7.80 -2.76
CA PRO A 249 -10.02 7.82 -4.20
C PRO A 249 -9.44 9.16 -4.66
N ALA A 250 -8.50 9.13 -5.60
CA ALA A 250 -7.82 10.35 -6.08
C ALA A 250 -8.58 11.03 -7.22
N GLY A 251 -9.62 10.37 -7.71
CA GLY A 251 -10.54 10.96 -8.68
C GLY A 251 -11.85 10.18 -8.71
N PRO A 252 -12.88 10.73 -9.36
CA PRO A 252 -14.19 10.06 -9.34
C PRO A 252 -14.18 8.70 -10.04
N GLY A 253 -13.20 8.49 -10.92
CA GLY A 253 -13.02 7.22 -11.63
C GLY A 253 -12.19 6.22 -10.85
N ALA A 254 -11.67 6.59 -9.70
CA ALA A 254 -10.70 5.73 -8.98
C ALA A 254 -11.43 4.76 -8.06
N GLY A 255 -12.68 5.05 -7.72
CA GLY A 255 -13.43 4.24 -6.77
C GLY A 255 -14.71 4.93 -6.41
N ARG A 256 -15.65 4.20 -5.85
CA ARG A 256 -16.92 4.82 -5.44
C ARG A 256 -16.69 5.61 -4.16
N GLY A 257 -17.29 6.77 -4.01
CA GLY A 257 -17.16 7.51 -2.74
C GLY A 257 -16.06 8.55 -2.81
N TYR A 258 -15.70 9.01 -4.00
CA TYR A 258 -14.78 10.15 -4.15
C TYR A 258 -15.38 11.37 -3.46
N VAL A 259 -14.55 12.10 -2.72
CA VAL A 259 -14.95 13.39 -2.09
C VAL A 259 -13.94 14.46 -2.44
N SER A 260 -14.40 15.70 -2.39
CA SER A 260 -13.55 16.89 -2.64
C SER A 260 -14.16 18.06 -1.89
N GLY A 261 -13.55 19.22 -2.05
CA GLY A 261 -14.10 20.44 -1.45
C GLY A 261 -14.25 20.34 0.06
N SER A 262 -15.33 20.90 0.58
CA SER A 262 -15.52 21.04 2.05
C SER A 262 -15.73 19.66 2.69
N GLN A 263 -16.30 18.69 1.98
CA GLN A 263 -16.48 17.33 2.53
C GLN A 263 -15.09 16.76 2.83
N LEU A 264 -14.16 16.95 1.90
CA LEU A 264 -12.78 16.46 2.04
C LEU A 264 -12.10 17.17 3.19
N THR A 265 -12.15 18.50 3.25
CA THR A 265 -11.48 19.22 4.36
C THR A 265 -12.08 18.75 5.68
N SER A 266 -13.40 18.64 5.76
CA SER A 266 -14.06 18.31 7.05
C SER A 266 -13.74 16.91 7.56
N VAL A 267 -13.74 15.91 6.69
CA VAL A 267 -13.46 14.53 7.15
C VAL A 267 -12.00 14.45 7.61
N PHE A 268 -11.09 15.21 7.00
CA PHE A 268 -9.68 15.18 7.44
C PHE A 268 -9.52 15.94 8.76
N GLN A 269 -10.23 17.03 8.97
CA GLN A 269 -10.17 17.78 10.26
CA GLN A 269 -10.10 17.75 10.26
C GLN A 269 -10.68 16.89 11.38
N TYR A 270 -11.76 16.16 11.12
CA TYR A 270 -12.34 15.24 12.10
C TYR A 270 -11.30 14.17 12.44
N SER A 271 -10.72 13.56 11.39
CA SER A 271 -9.82 12.41 11.56
C SER A 271 -8.53 12.85 12.29
N LYS A 272 -8.10 14.07 12.02
CA LYS A 272 -6.87 14.67 12.63
C LYS A 272 -7.00 14.79 14.15
N GLY A 273 -8.24 14.83 14.65
CA GLY A 273 -8.51 14.91 16.09
C GLY A 273 -8.10 13.65 16.85
N PHE A 274 -7.83 12.55 16.15
CA PHE A 274 -7.52 11.23 16.76
C PHE A 274 -6.00 11.02 16.88
N SER A 275 -5.59 10.39 17.98
CA SER A 275 -4.16 10.14 18.33
C SER A 275 -3.48 9.22 17.30
N THR A 276 -4.23 8.35 16.63
CA THR A 276 -3.69 7.37 15.67
C THR A 276 -3.47 8.00 14.29
N PHE A 277 -4.06 9.16 14.01
CA PHE A 277 -4.10 9.70 12.64
C PHE A 277 -2.68 10.12 12.20
N ALA A 278 -2.22 9.64 11.04
CA ALA A 278 -0.88 9.99 10.53
C ALA A 278 -0.93 10.56 9.12
N GLY A 279 -2.11 10.73 8.53
CA GLY A 279 -2.19 11.32 7.18
C GLY A 279 -3.14 10.60 6.24
N ALA A 280 -2.85 10.64 4.95
CA ALA A 280 -3.76 10.18 3.89
C ALA A 280 -3.09 9.10 3.05
N MET A 281 -3.93 8.26 2.46
CA MET A 281 -3.49 7.35 1.38
C MET A 281 -4.39 7.61 0.18
N MET A 282 -3.84 7.46 -1.02
CA MET A 282 -4.64 7.69 -2.24
C MET A 282 -4.44 6.56 -3.25
N TRP A 283 -5.56 6.16 -3.83
CA TRP A 283 -5.62 5.26 -5.00
C TRP A 283 -6.05 6.11 -6.19
N ASP A 284 -5.20 6.35 -7.19
CA ASP A 284 -3.78 6.02 -7.27
C ASP A 284 -3.06 7.20 -7.92
N MET A 285 -1.77 7.03 -8.19
CA MET A 285 -0.96 8.14 -8.73
C MET A 285 -1.51 8.64 -10.07
N SER A 286 -1.88 7.75 -10.98
CA SER A 286 -2.37 8.18 -12.32
C SER A 286 -3.61 9.05 -12.15
N GLN A 287 -4.52 8.66 -11.27
CA GLN A 287 -5.78 9.42 -11.04
C GLN A 287 -5.43 10.76 -10.39
N LEU A 288 -4.51 10.75 -9.43
CA LEU A 288 -4.18 11.99 -8.69
C LEU A 288 -3.63 13.03 -9.66
N TYR A 289 -2.71 12.64 -10.54
CA TYR A 289 -2.01 13.59 -11.43
C TYR A 289 -2.94 14.02 -12.57
N GLN A 290 -3.93 13.22 -12.91
CA GLN A 290 -4.92 13.60 -13.95
C GLN A 290 -5.93 14.59 -13.34
N ASN A 291 -6.20 14.48 -12.05
CA ASN A 291 -7.28 15.27 -11.37
C ASN A 291 -6.70 16.61 -10.94
N THR A 292 -6.61 17.55 -11.88
CA THR A 292 -5.89 18.84 -11.67
C THR A 292 -6.38 19.50 -10.39
N GLY A 293 -5.46 19.84 -9.49
CA GLY A 293 -5.75 20.62 -8.27
C GLY A 293 -6.14 19.73 -7.10
N PHE A 294 -6.34 18.43 -7.32
CA PHE A 294 -6.82 17.56 -6.23
C PHE A 294 -5.72 17.37 -5.21
N GLU A 295 -4.47 17.17 -5.64
CA GLU A 295 -3.37 16.97 -4.68
C GLU A 295 -3.27 18.21 -3.77
N THR A 296 -3.42 19.40 -4.33
CA THR A 296 -3.33 20.63 -3.49
CA THR A 296 -3.40 20.66 -3.54
C THR A 296 -4.51 20.63 -2.50
N GLN A 297 -5.70 20.18 -2.88
CA GLN A 297 -6.83 20.06 -1.91
C GLN A 297 -6.43 19.17 -0.74
N VAL A 298 -5.83 18.00 -1.03
CA VAL A 298 -5.46 17.03 0.02
C VAL A 298 -4.36 17.64 0.89
N VAL A 299 -3.35 18.22 0.28
CA VAL A 299 -2.25 18.81 1.08
C VAL A 299 -2.82 19.91 1.99
N ASN A 300 -3.69 20.74 1.43
CA ASN A 300 -4.27 21.87 2.20
C ASN A 300 -5.15 21.33 3.32
N ALA A 301 -5.84 20.20 3.10
CA ALA A 301 -6.73 19.61 4.13
C ALA A 301 -5.92 19.06 5.30
N LEU A 302 -4.70 18.57 5.05
CA LEU A 302 -3.88 17.94 6.13
C LEU A 302 -3.17 18.99 6.96
N ARG A 303 -3.01 20.20 6.45
CA ARG A 303 -2.49 21.31 7.29
C ARG A 303 -3.52 21.63 8.38
C1 NAG B . -18.62 -3.63 -1.36
C2 NAG B . -17.28 -4.35 -1.13
C3 NAG B . -16.23 -3.70 -2.03
C4 NAG B . -16.63 -3.72 -3.52
C5 NAG B . -18.04 -3.13 -3.66
C6 NAG B . -18.54 -3.20 -5.12
C7 NAG B . -16.65 -5.47 1.01
C8 NAG B . -16.38 -5.27 2.49
N2 NAG B . -16.93 -4.36 0.30
O1 NAG B . -19.63 -4.27 -0.57
O3 NAG B . -14.99 -4.40 -1.88
O4 NAG B . -15.81 -2.84 -4.40
O5 NAG B . -18.97 -3.74 -2.73
O6 NAG B . -18.54 -4.53 -5.62
O7 NAG B . -16.61 -6.59 0.52
C1 NAG B . -14.44 -3.27 -4.45
C2 NAG B . -13.97 -3.04 -5.91
C3 NAG B . -12.42 -3.16 -6.02
C4 NAG B . -11.63 -2.49 -4.89
C5 NAG B . -12.21 -2.95 -3.54
C6 NAG B . -11.66 -2.23 -2.31
C7 NAG B . -15.69 -3.44 -7.67
C8 NAG B . -16.34 -4.42 -8.63
N2 NAG B . -14.71 -3.89 -6.85
O3 NAG B . -11.97 -2.59 -7.27
O4 NAG B . -10.20 -2.78 -5.09
O5 NAG B . -13.62 -2.65 -3.46
O6 NAG B . -11.95 -0.82 -2.32
O7 NAG B . -16.05 -2.28 -7.66
C1 NAG B . -9.35 -1.69 -4.61
C2 NAG B . -7.88 -2.05 -4.91
C3 NAG B . -7.60 -2.01 -6.41
C4 NAG B . -8.83 -1.33 -7.10
C5 NAG B . -9.43 -0.10 -6.35
C6 NAG B . -10.71 0.43 -7.03
C7 NAG B . -6.17 -1.64 -3.22
C8 NAG B . -5.42 -0.64 -2.38
N2 NAG B . -6.97 -1.16 -4.20
O3 NAG B . -7.23 -3.35 -6.89
O4 NAG B . -8.46 -0.73 -8.37
O5 NAG B . -9.73 -0.35 -4.97
O6 NAG B . -11.38 1.47 -6.30
O7 NAG B . -6.09 -2.84 -3.01
C1 NAG B . -8.39 -1.62 -9.49
C2 NAG B . -8.42 -0.67 -10.70
C3 NAG B . -7.94 -1.31 -12.01
C4 NAG B . -6.84 -2.38 -11.88
C5 NAG B . -6.89 -3.18 -10.56
C6 NAG B . -5.60 -3.94 -10.24
C7 NAG B . -9.96 1.23 -10.62
C8 NAG B . -11.28 1.79 -11.00
N2 NAG B . -9.73 -0.05 -10.91
O3 NAG B . -7.43 -0.26 -12.84
O4 NAG B . -7.02 -3.33 -12.94
O5 NAG B . -7.18 -2.39 -9.39
O6 NAG B . -5.87 -4.98 -9.28
O7 NAG B . -9.15 1.95 -10.08
#